data_6PD7
#
_entry.id   6PD7
#
_cell.length_a   119.339
_cell.length_b   48.822
_cell.length_c   91.538
_cell.angle_alpha   90.000
_cell.angle_beta   117.029
_cell.angle_gamma   90.000
#
_symmetry.space_group_name_H-M   'C 1 2 1'
#
loop_
_entity.id
_entity.type
_entity.pdbx_description
1 polymer 'Thiol:disulfide interchange protein DsbA'
2 non-polymer '(3R)-4-{[4-(4-cyano-3-methylphenoxy)phenyl]acetyl}morpholine-3-carboxylic acid'
3 water water
#
_entity_poly.entity_id   1
_entity_poly.type   'polypeptide(L)'
_entity_poly.pdbx_seq_one_letter_code
;AQYEDGKQYTTLEKPVAGAPQVLEFFSFFCPHCYQFEEVLHISDNVKKKLPEGVKMTKYHVNFMGGDLGKDLTQAWAVAM
ALGVEDKVTVPLFEGVQKTQTIRSASDIRDVFINAGIKGEEYDAAWNSFVVKSLVAQQEKAAADVQLRGVPAMFVNGKYQ
LNPQGMDTSNMDVFVQQYADTVKYLSEKK
;
_entity_poly.pdbx_strand_id   A,B
#
# COMPACT_ATOMS: atom_id res chain seq x y z
N ALA A 1 -28.54 18.05 6.43
CA ALA A 1 -28.67 16.74 5.80
C ALA A 1 -27.31 16.22 5.34
N GLN A 2 -26.24 16.59 6.05
N GLN A 2 -26.26 16.63 6.07
CA GLN A 2 -24.90 16.21 5.60
CA GLN A 2 -24.89 16.27 5.73
C GLN A 2 -24.69 14.70 5.70
C GLN A 2 -24.71 14.76 5.73
N TYR A 3 -25.00 14.11 6.85
CA TYR A 3 -24.81 12.68 7.02
C TYR A 3 -26.03 11.93 6.51
N GLU A 4 -25.79 10.92 5.66
CA GLU A 4 -26.89 10.15 5.10
C GLU A 4 -26.43 8.71 4.87
N ASP A 5 -27.30 7.76 5.21
CA ASP A 5 -27.08 6.36 4.86
C ASP A 5 -26.77 6.24 3.37
N GLY A 6 -25.60 5.68 3.06
CA GLY A 6 -25.15 5.51 1.70
C GLY A 6 -24.06 6.45 1.27
N LYS A 7 -23.85 7.57 1.97
CA LYS A 7 -22.77 8.47 1.66
C LYS A 7 -21.54 8.12 2.49
N GLN A 8 -21.45 8.64 3.71
CA GLN A 8 -20.27 8.40 4.54
C GLN A 8 -20.32 7.05 5.26
N TYR A 9 -21.45 6.36 5.24
CA TYR A 9 -21.54 5.07 5.92
C TYR A 9 -22.68 4.27 5.31
N THR A 10 -22.75 2.99 5.69
CA THR A 10 -23.88 2.14 5.39
C THR A 10 -24.37 1.49 6.67
N THR A 11 -25.52 0.84 6.60
CA THR A 11 -26.14 0.18 7.75
C THR A 11 -26.19 -1.32 7.53
N LEU A 12 -25.76 -2.08 8.54
CA LEU A 12 -25.81 -3.53 8.45
C LEU A 12 -27.24 -4.03 8.55
N GLU A 13 -27.56 -5.02 7.71
CA GLU A 13 -28.90 -5.59 7.75
C GLU A 13 -29.13 -6.34 9.07
N LYS A 14 -28.12 -7.07 9.56
CA LYS A 14 -28.17 -7.77 10.84
C LYS A 14 -27.10 -7.17 11.74
N PRO A 15 -27.47 -6.22 12.60
CA PRO A 15 -26.48 -5.64 13.50
C PRO A 15 -25.87 -6.70 14.42
N VAL A 16 -24.62 -6.49 14.77
CA VAL A 16 -23.87 -7.43 15.60
C VAL A 16 -24.11 -7.07 17.06
N ALA A 17 -24.92 -7.89 17.75
CA ALA A 17 -25.15 -7.66 19.16
C ALA A 17 -23.86 -7.87 19.96
N GLY A 18 -23.62 -7.01 20.93
CA GLY A 18 -22.44 -7.14 21.75
C GLY A 18 -21.14 -6.81 21.06
N ALA A 19 -21.20 -6.18 19.88
CA ALA A 19 -19.99 -5.79 19.19
C ALA A 19 -19.25 -4.70 19.96
N PRO A 20 -17.94 -4.58 19.77
CA PRO A 20 -17.22 -3.43 20.34
C PRO A 20 -17.77 -2.13 19.76
N GLN A 21 -17.63 -1.05 20.54
CA GLN A 21 -18.22 0.22 20.13
C GLN A 21 -17.59 0.75 18.85
N VAL A 22 -16.27 0.67 18.75
CA VAL A 22 -15.52 1.07 17.55
C VAL A 22 -14.56 -0.06 17.20
N LEU A 23 -14.77 -0.67 16.04
CA LEU A 23 -14.05 -1.89 15.65
C LEU A 23 -13.39 -1.68 14.30
N GLU A 24 -12.06 -1.74 14.27
CA GLU A 24 -11.31 -1.66 13.03
C GLU A 24 -10.74 -3.03 12.67
N PHE A 25 -10.86 -3.41 11.38
CA PHE A 25 -10.23 -4.60 10.82
C PHE A 25 -9.11 -4.18 9.89
N PHE A 26 -7.98 -4.89 9.94
CA PHE A 26 -6.83 -4.56 9.11
C PHE A 26 -6.07 -5.82 8.75
N SER A 27 -5.13 -5.68 7.82
CA SER A 27 -4.16 -6.72 7.50
C SER A 27 -2.79 -6.12 7.31
N PHE A 28 -1.75 -6.81 7.79
CA PHE A 28 -0.40 -6.33 7.53
C PHE A 28 -0.01 -6.42 6.06
N PHE A 29 -0.78 -7.15 5.24
CA PHE A 29 -0.60 -7.18 3.78
C PHE A 29 -1.37 -6.11 3.04
N CYS A 30 -2.21 -5.35 3.74
CA CYS A 30 -3.20 -4.47 3.12
C CYS A 30 -2.57 -3.12 2.82
N PRO A 31 -2.49 -2.69 1.54
CA PRO A 31 -1.77 -1.43 1.22
C PRO A 31 -2.36 -0.20 1.87
N HIS A 32 -3.69 -0.05 1.85
CA HIS A 32 -4.28 1.11 2.52
C HIS A 32 -4.18 1.02 4.04
N CYS A 33 -4.14 -0.20 4.61
CA CYS A 33 -3.92 -0.29 6.06
C CYS A 33 -2.53 0.23 6.42
N TYR A 34 -1.53 -0.03 5.57
CA TYR A 34 -0.21 0.57 5.77
C TYR A 34 -0.29 2.09 5.84
N GLN A 35 -1.01 2.72 4.89
CA GLN A 35 -1.13 4.18 4.97
C GLN A 35 -1.94 4.62 6.19
N PHE A 36 -3.00 3.89 6.53
CA PHE A 36 -3.79 4.23 7.72
C PHE A 36 -2.91 4.27 8.97
N GLU A 37 -1.85 3.46 8.99
CA GLU A 37 -0.91 3.43 10.11
C GLU A 37 0.18 4.50 9.98
N GLU A 38 0.95 4.48 8.90
CA GLU A 38 2.18 5.26 8.86
C GLU A 38 1.98 6.71 8.43
N VAL A 39 0.94 7.02 7.65
CA VAL A 39 0.83 8.30 6.96
C VAL A 39 -0.39 9.09 7.42
N LEU A 40 -1.51 8.41 7.68
CA LEU A 40 -2.74 9.06 8.10
C LEU A 40 -3.00 8.96 9.59
N HIS A 41 -2.46 7.96 10.26
CA HIS A 41 -2.71 7.69 11.69
C HIS A 41 -4.21 7.73 12.00
N ILE A 42 -4.98 6.95 11.23
CA ILE A 42 -6.44 6.95 11.36
C ILE A 42 -6.86 6.65 12.80
N SER A 43 -6.29 5.59 13.40
CA SER A 43 -6.73 5.19 14.76
C SER A 43 -6.44 6.28 15.78
N ASP A 44 -5.24 6.88 15.74
CA ASP A 44 -4.92 7.97 16.66
C ASP A 44 -5.88 9.16 16.47
N ASN A 45 -6.16 9.52 15.23
CA ASN A 45 -6.99 10.70 14.98
C ASN A 45 -8.47 10.46 15.25
N VAL A 46 -8.94 9.21 15.12
CA VAL A 46 -10.31 8.89 15.51
C VAL A 46 -10.46 8.95 17.03
N LYS A 47 -9.52 8.33 17.74
CA LYS A 47 -9.52 8.36 19.21
C LYS A 47 -9.62 9.78 19.75
N LYS A 48 -8.99 10.73 19.07
CA LYS A 48 -8.96 12.11 19.57
C LYS A 48 -10.35 12.74 19.57
N LYS A 49 -11.24 12.31 18.68
CA LYS A 49 -12.55 12.93 18.54
C LYS A 49 -13.66 12.18 19.27
N LEU A 50 -13.37 10.99 19.81
CA LEU A 50 -14.36 10.25 20.57
C LEU A 50 -14.42 10.74 22.02
N PRO A 51 -15.55 10.52 22.70
CA PRO A 51 -15.63 10.84 24.13
C PRO A 51 -14.64 10.04 24.96
N GLU A 52 -14.52 10.46 26.22
CA GLU A 52 -13.51 9.91 27.14
C GLU A 52 -13.61 8.40 27.25
N GLY A 53 -14.83 7.86 27.29
CA GLY A 53 -14.98 6.44 27.54
C GLY A 53 -15.50 5.56 26.42
N VAL A 54 -15.10 5.82 25.18
CA VAL A 54 -15.46 4.96 24.05
C VAL A 54 -14.21 4.18 23.66
N LYS A 55 -14.25 2.86 23.85
CA LYS A 55 -13.09 2.01 23.61
C LYS A 55 -12.98 1.66 22.13
N MET A 56 -11.76 1.73 21.62
CA MET A 56 -11.48 1.29 20.26
C MET A 56 -10.82 -0.08 20.27
N THR A 57 -11.25 -0.94 19.35
CA THR A 57 -10.74 -2.28 19.19
C THR A 57 -10.25 -2.45 17.75
N LYS A 58 -9.16 -3.20 17.59
N LYS A 58 -9.16 -3.22 17.58
CA LYS A 58 -8.59 -3.44 16.26
CA LYS A 58 -8.57 -3.42 16.26
C LYS A 58 -8.25 -4.91 16.12
C LYS A 58 -8.22 -4.90 16.10
N TYR A 59 -8.76 -5.53 15.05
CA TYR A 59 -8.55 -6.96 14.80
C TYR A 59 -7.87 -7.17 13.46
N HIS A 60 -7.07 -8.23 13.37
CA HIS A 60 -6.41 -8.63 12.14
C HIS A 60 -7.27 -9.68 11.43
N VAL A 61 -7.17 -9.75 10.10
CA VAL A 61 -8.00 -10.65 9.33
C VAL A 61 -7.13 -11.71 8.68
N ASN A 62 -7.77 -12.83 8.30
CA ASN A 62 -7.10 -14.00 7.75
C ASN A 62 -6.90 -13.96 6.25
N PHE A 63 -7.71 -13.18 5.54
CA PHE A 63 -7.98 -13.50 4.15
C PHE A 63 -7.02 -12.84 3.16
N MET A 64 -6.01 -12.15 3.64
CA MET A 64 -4.94 -11.64 2.77
C MET A 64 -3.62 -12.28 3.17
N GLY A 65 -2.78 -12.52 2.17
CA GLY A 65 -1.44 -13.00 2.42
C GLY A 65 -1.26 -14.49 2.48
N GLY A 66 -2.24 -15.27 2.00
CA GLY A 66 -2.08 -16.72 2.00
C GLY A 66 -1.89 -17.28 3.40
N ASP A 67 -0.99 -18.27 3.49
CA ASP A 67 -0.66 -18.95 4.74
C ASP A 67 -0.26 -17.97 5.83
N LEU A 68 0.42 -16.88 5.46
CA LEU A 68 0.88 -15.91 6.45
C LEU A 68 -0.27 -15.14 7.08
N GLY A 69 -1.41 -15.07 6.40
CA GLY A 69 -2.58 -14.40 6.97
C GLY A 69 -2.95 -14.92 8.34
N LYS A 70 -3.05 -16.25 8.50
CA LYS A 70 -3.38 -16.79 9.82
C LYS A 70 -2.25 -16.61 10.81
N ASP A 71 -1.01 -16.78 10.37
CA ASP A 71 0.09 -16.60 11.31
C ASP A 71 0.07 -15.17 11.88
N LEU A 72 -0.22 -14.19 11.02
CA LEU A 72 -0.24 -12.79 11.47
C LEU A 72 -1.44 -12.50 12.37
N THR A 73 -2.59 -13.12 12.11
CA THR A 73 -3.74 -12.97 12.99
C THR A 73 -3.42 -13.52 14.38
N GLN A 74 -2.75 -14.66 14.43
CA GLN A 74 -2.35 -15.21 15.72
C GLN A 74 -1.26 -14.36 16.36
N ALA A 75 -0.33 -13.85 15.55
CA ALA A 75 0.68 -12.94 16.11
C ALA A 75 0.06 -11.64 16.62
N TRP A 76 -0.99 -11.15 15.94
CA TRP A 76 -1.70 -9.97 16.45
C TRP A 76 -2.38 -10.28 17.77
N ALA A 77 -2.97 -11.47 17.89
CA ALA A 77 -3.51 -11.91 19.17
C ALA A 77 -2.44 -11.91 20.26
N VAL A 78 -1.22 -12.38 19.95
CA VAL A 78 -0.13 -12.33 20.92
C VAL A 78 0.17 -10.88 21.29
N ALA A 79 0.17 -10.00 20.29
CA ALA A 79 0.41 -8.59 20.53
C ALA A 79 -0.66 -7.99 21.45
N MET A 80 -1.93 -8.31 21.18
CA MET A 80 -2.99 -7.87 22.08
C MET A 80 -2.83 -8.47 23.47
N ALA A 81 -2.40 -9.75 23.55
CA ALA A 81 -2.30 -10.43 24.84
C ALA A 81 -1.17 -9.87 25.69
N LEU A 82 -0.06 -9.46 25.08
CA LEU A 82 1.05 -8.85 25.81
C LEU A 82 0.95 -7.33 25.90
N GLY A 83 0.03 -6.72 25.18
CA GLY A 83 -0.03 -5.26 25.12
C GLY A 83 1.15 -4.61 24.42
N VAL A 84 1.69 -5.23 23.38
CA VAL A 84 2.88 -4.72 22.71
C VAL A 84 2.56 -4.23 21.30
N GLU A 85 1.28 -3.94 21.02
CA GLU A 85 0.88 -3.54 19.67
C GLU A 85 1.78 -2.44 19.14
N ASP A 86 2.06 -1.42 19.96
CA ASP A 86 2.77 -0.26 19.49
C ASP A 86 4.25 -0.54 19.24
N LYS A 87 4.80 -1.57 19.84
CA LYS A 87 6.19 -1.97 19.59
C LYS A 87 6.35 -2.83 18.34
N VAL A 88 5.30 -3.48 17.84
CA VAL A 88 5.47 -4.38 16.71
C VAL A 88 4.73 -3.94 15.46
N THR A 89 3.82 -2.97 15.55
CA THR A 89 2.95 -2.68 14.41
C THR A 89 3.75 -2.19 13.20
N VAL A 90 4.64 -1.23 13.41
CA VAL A 90 5.40 -0.67 12.30
C VAL A 90 6.38 -1.71 11.75
N PRO A 91 7.20 -2.38 12.59
CA PRO A 91 8.10 -3.40 12.05
C PRO A 91 7.38 -4.50 11.30
N LEU A 92 6.14 -4.85 11.70
CA LEU A 92 5.44 -5.91 10.97
C LEU A 92 4.95 -5.40 9.62
N PHE A 93 4.36 -4.20 9.60
CA PHE A 93 3.99 -3.56 8.33
C PHE A 93 5.18 -3.46 7.38
N GLU A 94 6.33 -3.02 7.89
CA GLU A 94 7.46 -2.79 7.01
C GLU A 94 8.12 -4.10 6.57
N GLY A 95 8.21 -5.07 7.48
CA GLY A 95 8.74 -6.36 7.09
C GLY A 95 7.87 -7.06 6.05
N VAL A 96 6.55 -6.91 6.16
CA VAL A 96 5.64 -7.54 5.20
C VAL A 96 5.66 -6.80 3.88
N GLN A 97 5.42 -5.49 3.88
CA GLN A 97 5.17 -4.76 2.65
C GLN A 97 6.38 -3.99 2.11
N LYS A 98 7.30 -3.55 2.95
CA LYS A 98 8.38 -2.68 2.47
C LYS A 98 9.65 -3.46 2.11
N THR A 99 10.24 -4.14 3.10
CA THR A 99 11.42 -4.95 2.84
C THR A 99 11.07 -6.37 2.39
N GLN A 100 9.82 -6.78 2.57
CA GLN A 100 9.37 -8.14 2.23
C GLN A 100 10.27 -9.21 2.86
N THR A 101 10.70 -8.95 4.09
CA THR A 101 11.53 -9.88 4.86
C THR A 101 10.73 -10.75 5.83
N ILE A 102 9.41 -10.61 5.86
CA ILE A 102 8.56 -11.47 6.67
C ILE A 102 7.89 -12.45 5.71
N ARG A 103 8.38 -13.68 5.68
CA ARG A 103 7.85 -14.69 4.77
C ARG A 103 7.44 -15.99 5.46
N SER A 104 7.55 -16.07 6.78
CA SER A 104 7.27 -17.27 7.55
C SER A 104 6.95 -16.85 8.98
N ALA A 105 6.27 -17.76 9.70
CA ALA A 105 6.00 -17.57 11.12
C ALA A 105 7.27 -17.19 11.86
N SER A 106 8.38 -17.84 11.53
CA SER A 106 9.64 -17.57 12.23
C SER A 106 10.10 -16.13 12.00
N ASP A 107 9.89 -15.58 10.80
CA ASP A 107 10.22 -14.17 10.55
C ASP A 107 9.37 -13.23 11.41
N ILE A 108 8.08 -13.55 11.59
CA ILE A 108 7.22 -12.76 12.49
C ILE A 108 7.79 -12.80 13.90
N ARG A 109 8.12 -13.99 14.38
CA ARG A 109 8.68 -14.15 15.72
C ARG A 109 9.96 -13.32 15.89
N ASP A 110 10.78 -13.25 14.83
CA ASP A 110 12.02 -12.46 14.86
C ASP A 110 11.72 -10.98 15.13
N VAL A 111 10.62 -10.46 14.56
CA VAL A 111 10.25 -9.06 14.77
C VAL A 111 9.94 -8.82 16.23
N PHE A 112 9.21 -9.75 16.86
CA PHE A 112 8.88 -9.59 18.26
C PHE A 112 10.13 -9.62 19.13
N ILE A 113 11.03 -10.58 18.88
CA ILE A 113 12.25 -10.66 19.68
C ILE A 113 13.09 -9.40 19.51
N ASN A 114 13.24 -8.92 18.28
N ASN A 114 13.23 -8.91 18.28
CA ASN A 114 14.01 -7.69 18.05
CA ASN A 114 13.99 -7.69 18.04
C ASN A 114 13.32 -6.47 18.63
C ASN A 114 13.32 -6.47 18.67
N ALA A 115 12.00 -6.51 18.82
CA ALA A 115 11.26 -5.44 19.48
C ALA A 115 11.31 -5.52 21.00
N GLY A 116 12.00 -6.50 21.58
CA GLY A 116 12.15 -6.60 23.03
C GLY A 116 11.33 -7.67 23.72
N ILE A 117 10.51 -8.44 22.99
CA ILE A 117 9.75 -9.53 23.61
C ILE A 117 10.63 -10.78 23.64
N LYS A 118 10.73 -11.41 24.82
CA LYS A 118 11.54 -12.62 24.93
C LYS A 118 10.91 -13.73 24.10
N GLY A 119 11.76 -14.48 23.39
CA GLY A 119 11.24 -15.53 22.52
C GLY A 119 10.40 -16.55 23.27
N GLU A 120 10.83 -16.94 24.48
CA GLU A 120 10.06 -17.89 25.27
C GLU A 120 8.69 -17.34 25.62
N GLU A 121 8.61 -16.04 25.88
CA GLU A 121 7.33 -15.46 26.24
C GLU A 121 6.45 -15.33 25.01
N TYR A 122 7.03 -14.98 23.86
CA TYR A 122 6.27 -15.02 22.63
C TYR A 122 5.68 -16.41 22.40
N ASP A 123 6.50 -17.44 22.57
CA ASP A 123 6.03 -18.80 22.28
C ASP A 123 4.97 -19.23 23.27
N ALA A 124 5.16 -18.91 24.55
CA ALA A 124 4.14 -19.29 25.52
C ALA A 124 2.83 -18.60 25.22
N ALA A 125 2.88 -17.30 24.91
CA ALA A 125 1.66 -16.59 24.55
C ALA A 125 1.03 -17.20 23.31
N TRP A 126 1.85 -17.46 22.29
CA TRP A 126 1.37 -18.03 21.04
C TRP A 126 0.55 -19.30 21.29
N ASN A 127 0.97 -20.09 22.26
CA ASN A 127 0.35 -21.39 22.49
C ASN A 127 -0.72 -21.36 23.57
N SER A 128 -1.07 -20.18 24.08
CA SER A 128 -1.91 -20.02 25.26
C SER A 128 -3.38 -20.06 24.90
N PHE A 129 -4.19 -20.36 25.93
CA PHE A 129 -5.65 -20.32 25.79
C PHE A 129 -6.13 -18.90 25.47
N VAL A 130 -5.52 -17.90 26.10
CA VAL A 130 -5.89 -16.51 25.83
C VAL A 130 -5.75 -16.22 24.34
N VAL A 131 -4.64 -16.64 23.74
CA VAL A 131 -4.40 -16.29 22.35
C VAL A 131 -5.30 -17.12 21.43
N LYS A 132 -5.48 -18.41 21.75
CA LYS A 132 -6.45 -19.21 21.01
C LYS A 132 -7.82 -18.56 21.02
N SER A 133 -8.23 -18.03 22.18
CA SER A 133 -9.54 -17.38 22.27
C SER A 133 -9.57 -16.07 21.48
N LEU A 134 -8.48 -15.29 21.55
CA LEU A 134 -8.45 -14.04 20.79
C LEU A 134 -8.55 -14.30 19.29
N VAL A 135 -7.92 -15.38 18.83
CA VAL A 135 -7.99 -15.72 17.41
C VAL A 135 -9.43 -16.00 17.01
N ALA A 136 -10.13 -16.82 17.78
CA ALA A 136 -11.52 -17.12 17.48
C ALA A 136 -12.36 -15.86 17.52
N GLN A 137 -12.12 -14.99 18.50
CA GLN A 137 -12.88 -13.75 18.58
C GLN A 137 -12.67 -12.88 17.33
N GLN A 138 -11.43 -12.77 16.84
CA GLN A 138 -11.18 -11.99 15.63
C GLN A 138 -11.91 -12.58 14.43
N GLU A 139 -11.92 -13.91 14.33
CA GLU A 139 -12.58 -14.56 13.19
C GLU A 139 -14.11 -14.41 13.27
N LYS A 140 -14.67 -14.58 14.47
CA LYS A 140 -16.12 -14.43 14.62
C LYS A 140 -16.57 -13.01 14.25
N ALA A 141 -15.83 -12.00 14.72
CA ALA A 141 -16.20 -10.61 14.45
C ALA A 141 -16.21 -10.33 12.95
N ALA A 142 -15.20 -10.80 12.22
CA ALA A 142 -15.23 -10.65 10.77
C ALA A 142 -16.41 -11.41 10.15
N ALA A 143 -16.71 -12.61 10.65
CA ALA A 143 -17.85 -13.35 10.12
C ALA A 143 -19.16 -12.64 10.45
N ASP A 144 -19.27 -12.06 11.65
CA ASP A 144 -20.52 -11.42 12.07
C ASP A 144 -20.88 -10.22 11.18
N VAL A 145 -19.89 -9.57 10.58
CA VAL A 145 -20.14 -8.43 9.69
C VAL A 145 -19.97 -8.81 8.23
N GLN A 146 -19.82 -10.10 7.92
CA GLN A 146 -19.57 -10.57 6.55
C GLN A 146 -18.42 -9.81 5.92
N LEU A 147 -17.31 -9.73 6.65
CA LEU A 147 -16.19 -8.90 6.19
C LEU A 147 -15.61 -9.45 4.89
N ARG A 148 -15.46 -8.58 3.89
CA ARG A 148 -14.92 -8.98 2.60
C ARG A 148 -13.67 -8.21 2.19
N GLY A 149 -13.26 -7.21 2.95
CA GLY A 149 -12.09 -6.44 2.58
C GLY A 149 -11.69 -5.50 3.70
N VAL A 150 -10.41 -5.13 3.68
CA VAL A 150 -9.85 -4.21 4.67
C VAL A 150 -9.19 -3.06 3.94
N PRO A 151 -9.02 -1.90 4.60
CA PRO A 151 -9.45 -1.55 5.96
C PRO A 151 -10.95 -1.42 6.07
N ALA A 152 -11.46 -1.62 7.28
CA ALA A 152 -12.88 -1.50 7.54
C ALA A 152 -13.05 -1.02 8.96
N MET A 153 -14.07 -0.20 9.20
CA MET A 153 -14.41 0.18 10.55
C MET A 153 -15.91 0.10 10.77
N PHE A 154 -16.30 -0.45 11.92
CA PHE A 154 -17.69 -0.63 12.27
C PHE A 154 -17.95 0.05 13.60
N VAL A 155 -19.08 0.73 13.69
CA VAL A 155 -19.47 1.46 14.89
C VAL A 155 -20.68 0.76 15.51
N ASN A 156 -20.49 0.26 16.73
CA ASN A 156 -21.56 -0.34 17.53
C ASN A 156 -22.23 -1.51 16.82
N GLY A 157 -21.45 -2.22 16.01
CA GLY A 157 -21.95 -3.35 15.26
C GLY A 157 -23.13 -3.05 14.36
N LYS A 158 -23.37 -1.77 14.04
CA LYS A 158 -24.59 -1.38 13.38
C LYS A 158 -24.30 -0.59 12.10
N TYR A 159 -23.16 0.10 12.03
CA TYR A 159 -22.84 1.00 10.93
C TYR A 159 -21.41 0.75 10.44
N GLN A 160 -21.21 0.85 9.13
CA GLN A 160 -19.91 0.63 8.50
C GLN A 160 -19.48 1.89 7.78
N LEU A 161 -18.22 2.31 8.00
CA LEU A 161 -17.70 3.50 7.36
C LEU A 161 -17.54 3.28 5.87
N ASN A 162 -17.64 4.36 5.10
CA ASN A 162 -17.55 4.32 3.64
C ASN A 162 -16.52 5.36 3.19
N PRO A 163 -15.23 5.05 3.31
CA PRO A 163 -14.22 6.07 2.96
C PRO A 163 -14.28 6.52 1.51
N GLN A 164 -14.77 5.68 0.60
CA GLN A 164 -14.85 6.09 -0.80
C GLN A 164 -15.90 7.16 -1.02
N GLY A 165 -16.89 7.28 -0.14
CA GLY A 165 -17.83 8.38 -0.18
C GLY A 165 -17.37 9.66 0.48
N MET A 166 -16.12 9.69 0.95
CA MET A 166 -15.53 10.89 1.52
C MET A 166 -14.58 11.52 0.51
N ASP A 167 -14.09 12.72 0.84
CA ASP A 167 -13.16 13.43 -0.04
C ASP A 167 -11.75 12.91 0.19
N THR A 168 -11.13 12.39 -0.87
CA THR A 168 -9.83 11.72 -0.75
C THR A 168 -8.71 12.47 -1.47
N SER A 169 -8.94 13.75 -1.82
CA SER A 169 -7.91 14.54 -2.48
C SER A 169 -6.84 15.04 -1.53
N ASN A 170 -7.15 15.17 -0.25
CA ASN A 170 -6.26 15.74 0.74
C ASN A 170 -6.22 14.82 1.94
N MET A 171 -5.02 14.33 2.29
CA MET A 171 -4.89 13.37 3.38
C MET A 171 -5.54 13.88 4.64
N ASP A 172 -5.33 15.15 4.95
CA ASP A 172 -5.76 15.62 6.25
C ASP A 172 -7.24 15.97 6.27
N VAL A 173 -7.79 16.41 5.14
CA VAL A 173 -9.24 16.54 5.06
C VAL A 173 -9.90 15.17 5.15
N PHE A 174 -9.32 14.18 4.48
CA PHE A 174 -9.88 12.84 4.55
C PHE A 174 -9.90 12.32 5.98
N VAL A 175 -8.79 12.48 6.70
CA VAL A 175 -8.73 12.01 8.10
C VAL A 175 -9.78 12.71 8.95
N GLN A 176 -9.93 14.02 8.73
CA GLN A 176 -10.92 14.79 9.50
C GLN A 176 -12.33 14.31 9.22
N GLN A 177 -12.69 14.13 7.93
CA GLN A 177 -14.03 13.67 7.59
C GLN A 177 -14.27 12.26 8.11
N TYR A 178 -13.23 11.43 8.09
CA TYR A 178 -13.38 10.05 8.54
C TYR A 178 -13.63 10.03 10.04
N ALA A 179 -12.74 10.67 10.82
CA ALA A 179 -12.90 10.72 12.26
C ALA A 179 -14.23 11.32 12.65
N ASP A 180 -14.64 12.40 11.96
CA ASP A 180 -15.90 13.06 12.30
C ASP A 180 -17.08 12.14 12.07
N THR A 181 -17.03 11.27 11.05
CA THR A 181 -18.12 10.33 10.84
C THR A 181 -18.19 9.32 11.97
N VAL A 182 -17.05 8.82 12.46
CA VAL A 182 -17.06 7.87 13.57
C VAL A 182 -17.72 8.51 14.79
N LYS A 183 -17.35 9.76 15.07
CA LYS A 183 -17.94 10.45 16.20
C LYS A 183 -19.44 10.60 16.04
N TYR A 184 -19.89 11.06 14.87
CA TYR A 184 -21.32 11.16 14.58
C TYR A 184 -22.05 9.84 14.82
N LEU A 185 -21.48 8.72 14.33
CA LEU A 185 -22.19 7.44 14.44
C LEU A 185 -22.22 6.92 15.88
N SER A 186 -21.17 7.19 16.66
N SER A 186 -21.16 7.18 16.65
CA SER A 186 -21.16 6.73 18.04
CA SER A 186 -21.16 6.74 18.04
C SER A 186 -22.28 7.38 18.85
C SER A 186 -22.29 7.37 18.83
N GLU A 187 -22.71 8.58 18.45
CA GLU A 187 -23.76 9.31 19.14
C GLU A 187 -25.16 9.01 18.63
N LYS A 188 -25.30 8.12 17.65
CA LYS A 188 -26.61 7.87 17.06
C LYS A 188 -27.47 6.97 17.96
N ALA B 1 16.84 -24.50 -19.68
CA ALA B 1 18.21 -24.00 -19.74
C ALA B 1 18.32 -22.63 -19.09
N GLN B 2 18.75 -22.61 -17.82
CA GLN B 2 18.80 -21.38 -17.03
C GLN B 2 17.45 -20.68 -17.01
N TYR B 3 17.25 -19.68 -17.88
CA TYR B 3 16.02 -18.90 -17.85
C TYR B 3 14.85 -19.74 -18.36
N GLU B 4 13.74 -19.68 -17.63
CA GLU B 4 12.60 -20.55 -17.91
C GLU B 4 11.31 -19.80 -17.59
N ASP B 5 10.39 -19.80 -18.55
CA ASP B 5 9.05 -19.29 -18.30
C ASP B 5 8.50 -19.96 -17.05
N GLY B 6 7.88 -19.17 -16.18
CA GLY B 6 7.41 -19.65 -14.90
C GLY B 6 8.38 -19.43 -13.75
N LYS B 7 9.67 -19.27 -14.03
CA LYS B 7 10.65 -19.09 -12.97
C LYS B 7 10.96 -17.61 -12.76
N GLN B 8 11.89 -17.07 -13.54
CA GLN B 8 12.29 -15.68 -13.42
C GLN B 8 11.30 -14.71 -14.07
N TYR B 9 10.34 -15.22 -14.82
CA TYR B 9 9.37 -14.38 -15.51
C TYR B 9 8.14 -15.23 -15.80
N THR B 10 7.05 -14.56 -16.16
CA THR B 10 5.86 -15.24 -16.65
C THR B 10 5.44 -14.61 -17.96
N THR B 11 4.46 -15.21 -18.61
CA THR B 11 4.11 -14.85 -19.98
C THR B 11 2.63 -14.47 -20.06
N LEU B 12 2.35 -13.23 -20.44
CA LEU B 12 0.97 -12.79 -20.60
C LEU B 12 0.25 -13.62 -21.66
N GLU B 13 -0.99 -14.00 -21.36
CA GLU B 13 -1.73 -14.81 -22.32
C GLU B 13 -2.17 -13.97 -23.52
N LYS B 14 -2.41 -12.67 -23.31
CA LYS B 14 -2.78 -11.76 -24.39
C LYS B 14 -1.71 -10.67 -24.48
N PRO B 15 -0.69 -10.87 -25.31
CA PRO B 15 0.38 -9.88 -25.41
C PRO B 15 -0.16 -8.52 -25.80
N VAL B 16 0.43 -7.48 -25.23
CA VAL B 16 -0.04 -6.11 -25.45
C VAL B 16 0.67 -5.53 -26.66
N ALA B 17 -0.10 -5.13 -27.67
CA ALA B 17 0.47 -4.54 -28.87
C ALA B 17 0.93 -3.11 -28.61
N GLY B 18 2.13 -2.78 -29.07
CA GLY B 18 2.61 -1.41 -28.98
C GLY B 18 3.07 -0.98 -27.61
N ALA B 19 3.26 -1.92 -26.69
CA ALA B 19 3.73 -1.60 -25.37
C ALA B 19 5.19 -1.12 -25.41
N PRO B 20 5.61 -0.31 -24.44
CA PRO B 20 7.03 0.05 -24.35
C PRO B 20 7.89 -1.20 -24.21
N GLN B 21 9.14 -1.09 -24.65
CA GLN B 21 10.04 -2.24 -24.58
C GLN B 21 10.21 -2.73 -23.15
N VAL B 22 10.43 -1.80 -22.22
CA VAL B 22 10.61 -2.12 -20.80
C VAL B 22 9.73 -1.16 -20.01
N LEU B 23 8.69 -1.69 -19.37
CA LEU B 23 7.69 -0.88 -18.69
C LEU B 23 7.61 -1.26 -17.23
N GLU B 24 7.91 -0.32 -16.35
CA GLU B 24 7.83 -0.50 -14.92
C GLU B 24 6.61 0.27 -14.41
N PHE B 25 5.85 -0.35 -13.49
CA PHE B 25 4.75 0.31 -12.82
C PHE B 25 5.11 0.55 -11.37
N PHE B 26 4.64 1.67 -10.82
CA PHE B 26 4.93 2.02 -9.42
C PHE B 26 3.86 2.96 -8.91
N SER B 27 3.89 3.21 -7.59
CA SER B 27 3.13 4.29 -6.98
C SER B 27 3.99 4.93 -5.91
N PHE B 28 3.93 6.27 -5.81
CA PHE B 28 4.66 6.93 -4.73
C PHE B 28 4.12 6.56 -3.36
N PHE B 29 2.95 5.93 -3.28
CA PHE B 29 2.43 5.42 -2.01
C PHE B 29 2.98 4.05 -1.64
N CYS B 30 3.44 3.28 -2.60
CA CYS B 30 3.74 1.85 -2.41
C CYS B 30 5.07 1.66 -1.67
N PRO B 31 5.07 1.06 -0.48
CA PRO B 31 6.33 0.94 0.27
C PRO B 31 7.37 0.09 -0.42
N HIS B 32 6.97 -0.99 -1.13
CA HIS B 32 7.98 -1.78 -1.84
C HIS B 32 8.52 -1.04 -3.07
N CYS B 33 7.70 -0.19 -3.72
CA CYS B 33 8.23 0.68 -4.77
C CYS B 33 9.26 1.66 -4.21
N TYR B 34 9.04 2.16 -2.99
CA TYR B 34 10.06 2.95 -2.33
C TYR B 34 11.33 2.12 -2.15
N GLN B 35 11.19 0.88 -1.69
CA GLN B 35 12.34 -0.02 -1.60
C GLN B 35 13.03 -0.17 -2.95
N PHE B 36 12.24 -0.48 -3.99
CA PHE B 36 12.82 -0.67 -5.32
C PHE B 36 13.64 0.53 -5.76
N GLU B 37 13.12 1.73 -5.56
CA GLU B 37 13.71 2.94 -6.11
C GLU B 37 14.79 3.54 -5.22
N GLU B 38 14.52 3.69 -3.92
CA GLU B 38 15.43 4.42 -3.06
C GLU B 38 16.50 3.55 -2.40
N VAL B 39 16.29 2.23 -2.29
CA VAL B 39 17.23 1.33 -1.63
C VAL B 39 17.92 0.41 -2.63
N LEU B 40 17.14 -0.34 -3.42
CA LEU B 40 17.72 -1.30 -4.35
C LEU B 40 18.20 -0.64 -5.64
N HIS B 41 17.56 0.47 -6.05
CA HIS B 41 17.89 1.16 -7.30
C HIS B 41 17.67 0.25 -8.51
N ILE B 42 16.50 -0.38 -8.55
CA ILE B 42 16.23 -1.41 -9.56
C ILE B 42 16.27 -0.80 -10.96
N SER B 43 15.60 0.34 -11.16
CA SER B 43 15.60 1.02 -12.46
C SER B 43 17.02 1.30 -12.94
N ASP B 44 17.85 1.90 -12.07
CA ASP B 44 19.21 2.24 -12.47
C ASP B 44 20.00 0.99 -12.87
N ASN B 45 19.87 -0.08 -12.08
CA ASN B 45 20.65 -1.27 -12.35
C ASN B 45 20.15 -1.99 -13.60
N VAL B 46 18.84 -1.97 -13.82
CA VAL B 46 18.30 -2.50 -15.08
C VAL B 46 18.83 -1.69 -16.25
N LYS B 47 18.67 -0.36 -16.20
CA LYS B 47 19.14 0.51 -17.29
C LYS B 47 20.61 0.30 -17.59
N LYS B 48 21.42 -0.03 -16.57
CA LYS B 48 22.86 -0.19 -16.76
C LYS B 48 23.21 -1.40 -17.60
N LYS B 49 22.28 -2.36 -17.76
CA LYS B 49 22.57 -3.59 -18.49
C LYS B 49 21.70 -3.78 -19.74
N LEU B 50 20.76 -2.87 -20.01
CA LEU B 50 19.96 -2.98 -21.22
C LEU B 50 20.82 -2.75 -22.46
N PRO B 51 20.57 -3.51 -23.53
CA PRO B 51 21.31 -3.30 -24.78
C PRO B 51 21.14 -1.89 -25.31
N GLU B 52 22.03 -1.52 -26.23
CA GLU B 52 21.93 -0.24 -26.90
C GLU B 52 20.65 -0.18 -27.73
N GLY B 53 19.90 0.89 -27.58
CA GLY B 53 18.65 1.05 -28.29
C GLY B 53 17.42 0.55 -27.58
N VAL B 54 17.50 0.32 -26.26
CA VAL B 54 16.35 -0.07 -25.46
C VAL B 54 16.14 0.98 -24.37
N LYS B 55 15.00 1.64 -24.41
CA LYS B 55 14.64 2.65 -23.43
C LYS B 55 13.72 2.05 -22.38
N MET B 56 13.84 2.56 -21.16
CA MET B 56 12.96 2.19 -20.06
C MET B 56 11.84 3.21 -19.91
N THR B 57 10.65 2.71 -19.61
CA THR B 57 9.49 3.52 -19.34
C THR B 57 8.96 3.18 -17.95
N LYS B 58 8.42 4.19 -17.28
CA LYS B 58 7.92 4.04 -15.93
C LYS B 58 6.60 4.80 -15.83
N TYR B 59 5.55 4.10 -15.40
CA TYR B 59 4.22 4.66 -15.27
C TYR B 59 3.75 4.55 -13.83
N HIS B 60 3.00 5.56 -13.40
CA HIS B 60 2.37 5.59 -12.08
C HIS B 60 0.97 4.97 -12.15
N VAL B 61 0.51 4.41 -11.03
CA VAL B 61 -0.80 3.76 -10.97
C VAL B 61 -1.74 4.52 -10.04
N ASN B 62 -3.04 4.25 -10.23
CA ASN B 62 -4.10 4.95 -9.51
C ASN B 62 -4.56 4.28 -8.23
N PHE B 63 -4.34 2.99 -8.06
CA PHE B 63 -5.20 2.24 -7.16
C PHE B 63 -4.74 2.25 -5.70
N MET B 64 -3.88 3.18 -5.32
CA MET B 64 -3.67 3.54 -3.92
C MET B 64 -3.85 5.04 -3.78
N GLY B 65 -4.42 5.46 -2.65
CA GLY B 65 -4.45 6.87 -2.31
C GLY B 65 -5.65 7.64 -2.79
N GLY B 66 -6.66 6.97 -3.34
CA GLY B 66 -7.88 7.68 -3.70
C GLY B 66 -7.60 8.74 -4.74
N ASP B 67 -8.22 9.92 -4.57
CA ASP B 67 -8.06 10.99 -5.56
C ASP B 67 -6.67 11.58 -5.52
N LEU B 68 -5.99 11.50 -4.37
CA LEU B 68 -4.61 11.96 -4.30
C LEU B 68 -3.70 11.07 -5.14
N GLY B 69 -4.00 9.78 -5.20
CA GLY B 69 -3.26 8.89 -6.09
C GLY B 69 -3.41 9.27 -7.56
N LYS B 70 -4.61 9.71 -7.96
CA LYS B 70 -4.80 10.19 -9.33
C LYS B 70 -4.03 11.49 -9.57
N ASP B 71 -4.00 12.38 -8.58
CA ASP B 71 -3.21 13.59 -8.72
C ASP B 71 -1.74 13.24 -8.91
N LEU B 72 -1.27 12.22 -8.18
CA LEU B 72 0.11 11.78 -8.33
C LEU B 72 0.37 11.17 -9.72
N THR B 73 -0.62 10.50 -10.28
CA THR B 73 -0.47 10.00 -11.65
C THR B 73 -0.38 11.15 -12.64
N GLN B 74 -1.20 12.20 -12.44
CA GLN B 74 -1.13 13.34 -13.35
C GLN B 74 0.19 14.10 -13.16
N ALA B 75 0.65 14.20 -11.91
CA ALA B 75 1.95 14.82 -11.66
C ALA B 75 3.08 14.02 -12.29
N TRP B 76 3.01 12.69 -12.25
CA TRP B 76 4.05 11.90 -12.88
C TRP B 76 4.05 12.11 -14.39
N ALA B 77 2.86 12.26 -15.00
CA ALA B 77 2.80 12.63 -16.41
C ALA B 77 3.49 13.97 -16.65
N VAL B 78 3.26 14.96 -15.78
CA VAL B 78 3.97 16.22 -15.88
C VAL B 78 5.48 16.00 -15.85
N ALA B 79 5.94 15.16 -14.93
CA ALA B 79 7.38 14.91 -14.83
C ALA B 79 7.92 14.29 -16.12
N MET B 80 7.18 13.32 -16.69
CA MET B 80 7.59 12.76 -17.97
C MET B 80 7.58 13.82 -19.06
N ALA B 81 6.51 14.62 -19.13
CA ALA B 81 6.40 15.64 -20.18
C ALA B 81 7.54 16.65 -20.11
N LEU B 82 7.91 17.06 -18.90
CA LEU B 82 8.95 18.08 -18.76
C LEU B 82 10.34 17.49 -18.64
N GLY B 83 10.45 16.17 -18.54
CA GLY B 83 11.74 15.50 -18.46
C GLY B 83 12.46 15.65 -17.14
N VAL B 84 11.73 15.74 -16.03
CA VAL B 84 12.35 16.00 -14.74
C VAL B 84 12.18 14.82 -13.77
N GLU B 85 11.97 13.61 -14.31
CA GLU B 85 11.82 12.42 -13.48
C GLU B 85 12.95 12.28 -12.48
N ASP B 86 14.19 12.51 -12.92
CA ASP B 86 15.34 12.34 -12.05
C ASP B 86 15.46 13.43 -10.99
N LYS B 87 14.64 14.48 -11.05
CA LYS B 87 14.70 15.52 -10.03
C LYS B 87 13.57 15.45 -9.01
N VAL B 88 12.43 14.85 -9.36
CA VAL B 88 11.28 14.82 -8.45
C VAL B 88 11.05 13.47 -7.81
N THR B 89 11.67 12.38 -8.31
CA THR B 89 11.35 11.05 -7.80
C THR B 89 11.69 10.93 -6.31
N VAL B 90 12.91 11.31 -5.94
CA VAL B 90 13.31 11.23 -4.54
C VAL B 90 12.44 12.13 -3.67
N PRO B 91 12.31 13.43 -3.94
CA PRO B 91 11.50 14.27 -3.02
C PRO B 91 10.04 13.84 -2.93
N LEU B 92 9.48 13.28 -4.00
CA LEU B 92 8.10 12.80 -3.94
C LEU B 92 7.98 11.54 -3.07
N PHE B 93 8.89 10.58 -3.24
CA PHE B 93 8.86 9.40 -2.37
C PHE B 93 9.05 9.81 -0.90
N GLU B 94 10.00 10.71 -0.65
CA GLU B 94 10.28 11.13 0.72
C GLU B 94 9.12 11.93 1.29
N GLY B 95 8.59 12.87 0.53
CA GLY B 95 7.53 13.71 1.03
C GLY B 95 6.25 12.93 1.32
N VAL B 96 5.98 11.89 0.52
CA VAL B 96 4.75 11.13 0.73
C VAL B 96 4.92 10.14 1.87
N GLN B 97 6.03 9.40 1.90
CA GLN B 97 6.13 8.25 2.79
C GLN B 97 6.94 8.50 4.05
N LYS B 98 7.89 9.44 4.04
CA LYS B 98 8.85 9.57 5.13
C LYS B 98 8.60 10.84 5.92
N THR B 99 8.86 12.01 5.34
CA THR B 99 8.68 13.25 6.10
C THR B 99 7.22 13.67 6.21
N GLN B 100 6.34 13.08 5.40
N GLN B 100 6.32 13.11 5.41
CA GLN B 100 4.91 13.37 5.41
CA GLN B 100 4.89 13.40 5.53
C GLN B 100 4.65 14.86 5.27
C GLN B 100 4.55 14.85 5.19
N THR B 101 5.29 15.45 4.27
CA THR B 101 5.08 16.85 3.91
C THR B 101 4.23 17.00 2.65
N ILE B 102 3.85 15.89 2.02
CA ILE B 102 3.04 15.89 0.82
C ILE B 102 1.68 15.30 1.17
N ARG B 103 0.65 16.15 1.22
CA ARG B 103 -0.68 15.73 1.64
C ARG B 103 -1.74 16.05 0.61
N SER B 104 -1.37 16.64 -0.53
CA SER B 104 -2.31 17.14 -1.52
C SER B 104 -1.54 17.55 -2.77
N ALA B 105 -2.30 17.86 -3.82
CA ALA B 105 -1.71 18.33 -5.07
C ALA B 105 -0.95 19.64 -4.88
N SER B 106 -1.35 20.48 -3.93
CA SER B 106 -0.58 21.69 -3.70
C SER B 106 0.84 21.36 -3.28
N ASP B 107 0.99 20.40 -2.37
CA ASP B 107 2.31 19.98 -1.90
C ASP B 107 3.10 19.29 -3.00
N ILE B 108 2.42 18.57 -3.91
CA ILE B 108 3.11 17.97 -5.04
C ILE B 108 3.70 19.07 -5.94
N ARG B 109 2.89 20.09 -6.23
CA ARG B 109 3.37 21.20 -7.04
C ARG B 109 4.57 21.88 -6.39
N ASP B 110 4.55 22.04 -5.05
CA ASP B 110 5.69 22.64 -4.36
C ASP B 110 6.98 21.88 -4.64
N VAL B 111 6.90 20.55 -4.72
CA VAL B 111 8.08 19.73 -5.04
C VAL B 111 8.65 20.10 -6.40
N PHE B 112 7.78 20.27 -7.41
CA PHE B 112 8.26 20.58 -8.75
C PHE B 112 8.90 21.97 -8.78
N ILE B 113 8.30 22.91 -8.05
CA ILE B 113 8.83 24.27 -7.99
C ILE B 113 10.20 24.28 -7.30
N ASN B 114 10.37 23.44 -6.27
CA ASN B 114 11.67 23.36 -5.61
C ASN B 114 12.70 22.61 -6.47
N ALA B 115 12.28 21.95 -7.54
CA ALA B 115 13.18 21.25 -8.46
C ALA B 115 13.52 22.09 -9.67
N GLY B 116 13.07 23.33 -9.74
CA GLY B 116 13.44 24.23 -10.81
C GLY B 116 12.39 24.48 -11.87
N ILE B 117 11.17 23.99 -11.70
CA ILE B 117 10.10 24.24 -12.66
C ILE B 117 9.30 25.42 -12.16
N LYS B 118 9.16 26.44 -13.01
CA LYS B 118 8.33 27.59 -12.66
C LYS B 118 6.89 27.13 -12.41
N GLY B 119 6.24 27.76 -11.44
CA GLY B 119 4.82 27.49 -11.23
C GLY B 119 4.02 27.52 -12.52
N GLU B 120 4.18 28.57 -13.32
N GLU B 120 4.19 28.58 -13.31
CA GLU B 120 3.40 28.66 -14.55
CA GLU B 120 3.43 28.69 -14.55
C GLU B 120 3.74 27.54 -15.51
C GLU B 120 3.75 27.54 -15.50
N GLU B 121 5.00 27.08 -15.52
CA GLU B 121 5.37 25.96 -16.37
C GLU B 121 4.68 24.68 -15.91
N TYR B 122 4.65 24.46 -14.60
CA TYR B 122 3.99 23.27 -14.06
C TYR B 122 2.50 23.28 -14.41
N ASP B 123 1.85 24.43 -14.26
CA ASP B 123 0.43 24.52 -14.55
C ASP B 123 0.17 24.31 -16.03
N ALA B 124 1.02 24.87 -16.90
CA ALA B 124 0.84 24.69 -18.33
C ALA B 124 0.91 23.21 -18.69
N ALA B 125 1.92 22.52 -18.16
CA ALA B 125 2.05 21.08 -18.39
C ALA B 125 0.86 20.33 -17.82
N TRP B 126 0.46 20.65 -16.59
CA TRP B 126 -0.65 19.97 -15.95
C TRP B 126 -1.90 19.97 -16.82
N ASN B 127 -2.14 21.08 -17.52
CA ASN B 127 -3.34 21.25 -18.32
C ASN B 127 -3.14 20.90 -19.79
N SER B 128 -1.99 20.33 -20.16
CA SER B 128 -1.64 20.18 -21.56
C SER B 128 -2.27 18.91 -22.14
N PHE B 129 -2.37 18.88 -23.47
CA PHE B 129 -2.82 17.67 -24.14
C PHE B 129 -1.81 16.53 -23.97
N VAL B 130 -0.52 16.84 -23.96
CA VAL B 130 0.49 15.80 -23.73
C VAL B 130 0.20 15.09 -22.42
N VAL B 131 -0.01 15.86 -21.34
CA VAL B 131 -0.22 15.24 -20.04
C VAL B 131 -1.57 14.49 -20.03
N LYS B 132 -2.60 15.08 -20.62
CA LYS B 132 -3.88 14.37 -20.73
C LYS B 132 -3.71 13.02 -21.43
N SER B 133 -2.96 12.99 -22.53
CA SER B 133 -2.69 11.73 -23.24
C SER B 133 -1.83 10.79 -22.40
N LEU B 134 -0.89 11.33 -21.62
CA LEU B 134 -0.05 10.48 -20.79
C LEU B 134 -0.83 9.87 -19.62
N VAL B 135 -1.79 10.60 -19.05
CA VAL B 135 -2.64 10.00 -18.04
C VAL B 135 -3.40 8.83 -18.64
N ALA B 136 -3.99 9.04 -19.83
CA ALA B 136 -4.71 7.95 -20.49
C ALA B 136 -3.80 6.76 -20.77
N GLN B 137 -2.57 7.00 -21.25
CA GLN B 137 -1.65 5.91 -21.56
C GLN B 137 -1.27 5.12 -20.31
N GLN B 138 -1.06 5.82 -19.19
CA GLN B 138 -0.74 5.09 -17.96
C GLN B 138 -1.91 4.23 -17.52
N GLU B 139 -3.13 4.78 -17.56
CA GLU B 139 -4.29 4.00 -17.15
C GLU B 139 -4.52 2.83 -18.10
N LYS B 140 -4.35 3.06 -19.41
CA LYS B 140 -4.58 2.00 -20.39
C LYS B 140 -3.55 0.88 -20.27
N ALA B 141 -2.27 1.21 -20.08
CA ALA B 141 -1.24 0.16 -20.01
C ALA B 141 -1.46 -0.77 -18.82
N ALA B 142 -1.95 -0.22 -17.72
CA ALA B 142 -2.27 -1.05 -16.57
C ALA B 142 -3.44 -1.97 -16.86
N ALA B 143 -4.47 -1.46 -17.55
CA ALA B 143 -5.57 -2.33 -17.95
C ALA B 143 -5.11 -3.41 -18.91
N ASP B 144 -4.18 -3.08 -19.81
CA ASP B 144 -3.77 -4.01 -20.86
C ASP B 144 -3.00 -5.19 -20.30
N VAL B 145 -2.21 -5.00 -19.24
CA VAL B 145 -1.50 -6.12 -18.63
C VAL B 145 -2.29 -6.68 -17.46
N GLN B 146 -3.54 -6.25 -17.30
CA GLN B 146 -4.37 -6.67 -16.16
C GLN B 146 -3.60 -6.50 -14.85
N LEU B 147 -3.08 -5.30 -14.64
CA LEU B 147 -2.22 -5.06 -13.49
C LEU B 147 -3.03 -5.11 -12.20
N ARG B 148 -2.55 -5.88 -11.23
CA ARG B 148 -3.22 -5.99 -9.95
C ARG B 148 -2.42 -5.46 -8.77
N GLY B 149 -1.13 -5.15 -8.96
CA GLY B 149 -0.33 -4.63 -7.85
C GLY B 149 0.97 -4.06 -8.36
N VAL B 150 1.66 -3.34 -7.47
CA VAL B 150 2.95 -2.75 -7.80
C VAL B 150 3.93 -3.09 -6.69
N PRO B 151 5.24 -3.07 -6.99
CA PRO B 151 5.88 -2.77 -8.28
C PRO B 151 5.72 -3.92 -9.26
N ALA B 152 5.90 -3.64 -10.56
CA ALA B 152 5.84 -4.67 -11.60
C ALA B 152 6.66 -4.21 -12.78
N MET B 153 7.18 -5.16 -13.55
CA MET B 153 7.89 -4.82 -14.76
C MET B 153 7.51 -5.78 -15.88
N PHE B 154 7.38 -5.23 -17.08
CA PHE B 154 6.95 -5.93 -18.27
C PHE B 154 7.93 -5.63 -19.40
N VAL B 155 8.33 -6.66 -20.13
CA VAL B 155 9.20 -6.52 -21.29
C VAL B 155 8.40 -6.82 -22.54
N ASN B 156 8.36 -5.86 -23.46
CA ASN B 156 7.76 -6.00 -24.79
C ASN B 156 6.29 -6.38 -24.73
N GLY B 157 5.59 -5.95 -23.68
CA GLY B 157 4.19 -6.26 -23.50
C GLY B 157 3.86 -7.74 -23.44
N LYS B 158 4.88 -8.61 -23.31
CA LYS B 158 4.70 -10.06 -23.33
C LYS B 158 5.09 -10.74 -22.03
N TYR B 159 6.12 -10.25 -21.34
CA TYR B 159 6.75 -10.97 -20.25
C TYR B 159 6.68 -10.13 -18.98
N GLN B 160 6.29 -10.75 -17.89
CA GLN B 160 6.19 -10.10 -16.59
C GLN B 160 7.32 -10.62 -15.70
N LEU B 161 8.13 -9.71 -15.17
CA LEU B 161 9.16 -10.13 -14.23
C LEU B 161 8.52 -10.82 -13.04
N ASN B 162 9.18 -11.86 -12.54
CA ASN B 162 8.70 -12.64 -11.41
C ASN B 162 9.76 -12.64 -10.31
N PRO B 163 9.82 -11.59 -9.49
CA PRO B 163 10.83 -11.57 -8.42
C PRO B 163 10.70 -12.71 -7.44
N GLN B 164 9.49 -13.29 -7.30
CA GLN B 164 9.31 -14.44 -6.44
C GLN B 164 10.16 -15.62 -6.90
N GLY B 165 10.48 -15.69 -8.19
CA GLY B 165 11.27 -16.78 -8.71
C GLY B 165 12.77 -16.56 -8.63
N MET B 166 13.21 -15.52 -7.93
CA MET B 166 14.61 -15.14 -7.82
C MET B 166 15.06 -15.25 -6.37
N ASP B 167 16.37 -15.15 -6.16
CA ASP B 167 16.97 -15.27 -4.83
C ASP B 167 16.71 -13.98 -4.05
N THR B 168 15.90 -14.07 -2.99
CA THR B 168 15.51 -12.90 -2.23
C THR B 168 16.19 -12.82 -0.86
N SER B 169 17.27 -13.59 -0.65
CA SER B 169 17.97 -13.54 0.64
C SER B 169 19.03 -12.43 0.64
N ASN B 170 20.00 -12.50 -0.27
CA ASN B 170 20.93 -11.41 -0.48
C ASN B 170 20.34 -10.46 -1.50
N MET B 171 20.23 -9.18 -1.15
CA MET B 171 19.58 -8.23 -2.04
C MET B 171 20.50 -7.83 -3.19
N ASP B 172 21.82 -7.84 -3.00
CA ASP B 172 22.71 -7.54 -4.12
C ASP B 172 22.70 -8.66 -5.14
N VAL B 173 22.53 -9.91 -4.69
CA VAL B 173 22.30 -11.00 -5.61
C VAL B 173 20.96 -10.81 -6.33
N PHE B 174 19.93 -10.42 -5.58
CA PHE B 174 18.60 -10.25 -6.17
C PHE B 174 18.63 -9.23 -7.30
N VAL B 175 19.27 -8.08 -7.07
CA VAL B 175 19.24 -6.98 -8.04
C VAL B 175 19.92 -7.40 -9.34
N GLN B 176 21.07 -8.07 -9.26
CA GLN B 176 21.77 -8.49 -10.46
C GLN B 176 20.96 -9.55 -11.23
N GLN B 177 20.31 -10.47 -10.52
CA GLN B 177 19.46 -11.45 -11.19
C GLN B 177 18.27 -10.79 -11.87
N TYR B 178 17.64 -9.84 -11.19
CA TYR B 178 16.49 -9.13 -11.76
C TYR B 178 16.90 -8.36 -13.02
N ALA B 179 18.00 -7.60 -12.94
CA ALA B 179 18.49 -6.87 -14.10
C ALA B 179 18.91 -7.82 -15.23
N ASP B 180 19.62 -8.88 -14.89
CA ASP B 180 20.04 -9.83 -15.92
C ASP B 180 18.83 -10.50 -16.56
N THR B 181 17.73 -10.64 -15.84
CA THR B 181 16.52 -11.20 -16.44
C THR B 181 15.94 -10.24 -17.46
N VAL B 182 15.84 -8.96 -17.11
CA VAL B 182 15.33 -7.96 -18.04
C VAL B 182 16.18 -7.94 -19.31
N LYS B 183 17.51 -7.96 -19.15
CA LYS B 183 18.38 -7.98 -20.32
C LYS B 183 18.07 -9.17 -21.22
N TYR B 184 17.93 -10.35 -20.63
CA TYR B 184 17.66 -11.55 -21.41
C TYR B 184 16.31 -11.44 -22.12
N LEU B 185 15.28 -11.00 -21.39
CA LEU B 185 13.96 -10.85 -22.00
C LEU B 185 13.98 -9.81 -23.11
N SER B 186 14.71 -8.72 -22.91
N SER B 186 14.71 -8.71 -22.91
CA SER B 186 14.78 -7.68 -23.94
CA SER B 186 14.78 -7.68 -23.93
C SER B 186 15.44 -8.20 -25.22
C SER B 186 15.43 -8.20 -25.21
N GLU B 187 16.39 -9.12 -25.09
CA GLU B 187 17.07 -9.67 -26.26
C GLU B 187 16.15 -10.64 -27.01
N LYS B 188 15.49 -11.51 -26.27
CA LYS B 188 14.47 -12.38 -26.88
C LYS B 188 13.25 -11.55 -27.24
#